data_4CGS
#
_entry.id   4CGS
#
_cell.length_a   43.910
_cell.length_b   87.450
_cell.length_c   56.130
_cell.angle_alpha   90.00
_cell.angle_beta   112.98
_cell.angle_gamma   90.00
#
_symmetry.space_group_name_H-M   'P 1 21 1'
#
loop_
_entity.id
_entity.type
_entity.pdbx_description
1 polymer 'POLYMERASE SUBUNIT PA'
2 non-polymer GLYCEROL
3 water water
#
_entity_poly.entity_id   1
_entity_poly.type   'polypeptide(L)'
_entity_poly.pdbx_seq_one_letter_code
;GAMDRHKPKSISSEIWALSETSKEWMSNLRPLEARIVECIKYTVC(CME)HISDMHLHNGVPRYIVNMWTPPEVADQEMK
RQNLIFARPNVPDLLDLKERKGVYVKVYPDNGTPTDYQTAENEIFVRVSLSGQMSPITREYLDEVQRQDVTNFLVTIYNE
SLESNLLERMQELYDTD
;
_entity_poly.pdbx_strand_id   A,B
#
loop_
_chem_comp.id
_chem_comp.type
_chem_comp.name
_chem_comp.formula
GOL non-polymer GLYCEROL 'C3 H8 O3'
#
# COMPACT_ATOMS: atom_id res chain seq x y z
N ALA A 2 -15.54 9.06 -16.07
CA ALA A 2 -16.05 10.06 -17.10
C ALA A 2 -15.00 10.38 -18.18
N MET A 3 -13.72 10.47 -17.82
CA MET A 3 -12.64 10.84 -18.76
C MET A 3 -12.00 9.61 -19.38
N ASP A 4 -12.64 8.48 -19.24
CA ASP A 4 -12.00 7.21 -19.54
C ASP A 4 -11.52 7.07 -20.98
N ARG A 5 -12.18 7.74 -21.92
CA ARG A 5 -11.80 7.62 -23.31
C ARG A 5 -10.40 8.18 -23.54
N HIS A 6 -10.00 9.02 -22.63
CA HIS A 6 -8.75 9.75 -22.69
C HIS A 6 -7.57 9.07 -22.05
N LYS A 7 -7.79 7.95 -21.36
CA LYS A 7 -6.67 7.21 -20.71
C LYS A 7 -5.70 6.78 -21.78
N PRO A 8 -4.40 7.12 -21.66
CA PRO A 8 -3.42 6.54 -22.54
C PRO A 8 -3.36 5.01 -22.41
N LYS A 9 -3.07 4.35 -23.52
CA LYS A 9 -2.89 2.92 -23.49
C LYS A 9 -1.81 2.52 -22.49
N SER A 10 -0.81 3.39 -22.36
CA SER A 10 0.34 3.10 -21.53
C SER A 10 0.13 3.22 -20.04
N ILE A 11 -1.03 3.75 -19.62
CA ILE A 11 -1.36 3.85 -18.20
C ILE A 11 -2.30 2.72 -17.89
N SER A 12 -1.99 1.98 -16.84
CA SER A 12 -2.93 0.87 -16.51
C SER A 12 -4.33 1.35 -16.09
N SER A 13 -5.35 0.57 -16.37
CA SER A 13 -6.67 0.91 -15.99
C SER A 13 -6.78 1.13 -14.50
N GLU A 14 -6.06 0.32 -13.73
CA GLU A 14 -6.20 0.44 -12.23
C GLU A 14 -5.52 1.66 -11.69
N ILE A 15 -4.42 2.09 -12.27
CA ILE A 15 -3.78 3.37 -11.90
C ILE A 15 -4.65 4.56 -12.28
N TRP A 16 -5.25 4.51 -13.48
CA TRP A 16 -6.16 5.55 -13.91
C TRP A 16 -7.33 5.60 -12.98
N ALA A 17 -7.89 4.47 -12.63
CA ALA A 17 -9.03 4.50 -11.73
C ALA A 17 -8.62 5.06 -10.33
N LEU A 18 -7.51 4.61 -9.80
CA LEU A 18 -7.03 5.05 -8.50
C LEU A 18 -6.85 6.60 -8.48
N SER A 19 -6.41 7.15 -9.59
CA SER A 19 -6.23 8.59 -9.67
C SER A 19 -7.49 9.38 -9.44
N GLU A 20 -8.66 8.77 -9.51
CA GLU A 20 -9.91 9.54 -9.11
C GLU A 20 -9.94 9.93 -7.63
N THR A 21 -9.05 9.35 -6.80
CA THR A 21 -9.00 9.71 -5.35
C THR A 21 -8.21 10.98 -5.11
N SER A 22 -7.51 11.48 -6.16
CA SER A 22 -6.74 12.65 -6.09
C SER A 22 -7.35 13.98 -6.62
N LYS A 23 -7.38 14.99 -5.74
CA LYS A 23 -7.80 16.35 -6.08
C LYS A 23 -6.72 17.15 -6.76
N GLU A 24 -5.52 16.59 -6.83
CA GLU A 24 -4.39 17.41 -7.39
C GLU A 24 -4.60 17.71 -8.86
N TRP A 25 -4.71 16.70 -9.73
CA TRP A 25 -4.93 16.96 -11.12
C TRP A 25 -6.20 17.77 -11.34
N MET A 26 -7.21 17.55 -10.50
CA MET A 26 -8.49 18.27 -10.63
C MET A 26 -8.39 19.79 -10.42
N SER A 27 -7.36 20.19 -9.71
CA SER A 27 -7.13 21.56 -9.41
C SER A 27 -6.36 22.28 -10.52
N ASN A 28 -5.94 21.55 -11.53
CA ASN A 28 -5.13 22.13 -12.58
C ASN A 28 -6.02 22.69 -13.68
N LEU A 29 -5.58 23.79 -14.26
CA LEU A 29 -6.32 24.38 -15.38
C LEU A 29 -6.33 23.52 -16.61
N ARG A 30 -5.44 22.52 -16.66
CA ARG A 30 -5.36 21.51 -17.73
C ARG A 30 -5.52 20.12 -17.10
N PRO A 31 -6.75 19.76 -16.71
CA PRO A 31 -6.92 18.60 -15.86
C PRO A 31 -6.54 17.27 -16.51
N LEU A 32 -6.88 17.09 -17.77
CA LEU A 32 -6.51 15.78 -18.41
C LEU A 32 -4.98 15.63 -18.45
N GLU A 33 -4.32 16.66 -18.89
CA GLU A 33 -2.87 16.64 -18.99
C GLU A 33 -2.25 16.38 -17.61
N ALA A 34 -2.74 17.11 -16.62
CA ALA A 34 -2.27 16.93 -15.27
C ALA A 34 -2.57 15.57 -14.75
N ARG A 35 -3.68 14.97 -15.05
CA ARG A 35 -4.03 13.62 -14.57
C ARG A 35 -3.08 12.61 -15.19
N ILE A 36 -2.77 12.75 -16.49
CA ILE A 36 -1.83 11.87 -17.10
C ILE A 36 -0.49 11.97 -16.47
N VAL A 37 0.03 13.18 -16.30
CA VAL A 37 1.30 13.36 -15.61
C VAL A 37 1.32 12.77 -14.20
N GLU A 38 0.21 12.92 -13.49
CA GLU A 38 0.13 12.39 -12.10
C GLU A 38 0.15 10.88 -12.11
N CYS A 39 -0.51 10.29 -13.09
CA CYS A 39 -0.45 8.85 -13.25
C CYS A 39 0.91 8.37 -13.68
N ILE A 40 1.62 9.13 -14.49
CA ILE A 40 3.01 8.84 -14.84
C ILE A 40 3.85 8.85 -13.56
N LYS A 41 3.69 9.90 -12.73
CA LYS A 41 4.42 9.98 -11.47
C LYS A 41 4.16 8.77 -10.60
N TYR A 42 2.92 8.35 -10.45
CA TYR A 42 2.58 7.19 -9.67
C TYR A 42 3.23 5.93 -10.20
N THR A 43 3.11 5.75 -11.50
CA THR A 43 3.67 4.60 -12.17
C THR A 43 5.19 4.56 -11.96
N VAL A 44 5.88 5.70 -11.99
CA VAL A 44 7.29 5.78 -11.72
C VAL A 44 7.56 5.30 -10.29
N CYS A 45 6.75 5.72 -9.31
CA CYS A 45 6.91 5.24 -7.94
C CYS A 45 6.78 3.71 -7.91
N CME A 46 5.80 3.17 -8.65
CA CME A 46 5.63 1.70 -8.67
CB CME A 46 4.37 1.41 -9.46
SG CME A 46 2.85 1.98 -8.74
SD CME A 46 2.39 0.64 -7.32
CE CME A 46 1.41 -0.69 -8.10
CZ CME A 46 0.39 -0.15 -9.12
OH CME A 46 -0.44 -1.16 -9.66
C CME A 46 6.84 1.02 -9.27
O CME A 46 7.25 -0.03 -8.78
N HIS A 47 7.42 1.60 -10.33
CA HIS A 47 8.62 0.97 -10.94
C HIS A 47 9.81 1.04 -10.03
N ILE A 48 9.95 2.12 -9.27
CA ILE A 48 11.06 2.24 -8.32
C ILE A 48 10.93 1.14 -7.26
N SER A 49 9.71 0.86 -6.81
N SER A 49 9.70 0.88 -6.79
CA SER A 49 9.49 -0.03 -5.69
CA SER A 49 9.47 -0.06 -5.69
C SER A 49 9.27 -1.50 -6.02
C SER A 49 9.46 -1.52 -6.13
N ASP A 50 8.73 -1.77 -7.20
CA ASP A 50 8.34 -3.12 -7.72
C ASP A 50 9.28 -4.25 -7.39
N MET A 51 8.94 -5.11 -6.43
CA MET A 51 9.70 -6.36 -6.09
C MET A 51 11.10 -6.06 -5.59
N HIS A 52 11.43 -4.80 -5.25
CA HIS A 52 12.73 -4.50 -4.67
C HIS A 52 12.64 -4.73 -3.17
N LEU A 53 13.54 -5.54 -2.63
CA LEU A 53 13.48 -5.96 -1.22
C LEU A 53 14.68 -5.43 -0.45
N HIS A 54 14.47 -5.25 0.84
CA HIS A 54 15.52 -4.95 1.80
C HIS A 54 15.15 -5.71 3.06
N ASN A 55 16.06 -6.56 3.56
CA ASN A 55 15.86 -7.40 4.71
C ASN A 55 14.61 -8.27 4.51
N GLY A 56 14.41 -8.73 3.28
CA GLY A 56 13.44 -9.76 2.93
C GLY A 56 12.06 -9.26 2.67
N VAL A 57 11.86 -7.97 2.77
CA VAL A 57 10.52 -7.39 2.63
C VAL A 57 10.66 -6.14 1.71
N PRO A 58 9.52 -5.56 1.24
CA PRO A 58 9.67 -4.43 0.30
C PRO A 58 10.58 -3.35 0.89
N ARG A 59 11.48 -2.87 0.04
CA ARG A 59 12.39 -1.78 0.38
C ARG A 59 11.66 -0.49 0.61
N TYR A 60 10.58 -0.28 -0.11
CA TYR A 60 9.89 1.00 -0.15
C TYR A 60 8.51 0.93 0.38
N ILE A 61 8.09 2.00 1.04
CA ILE A 61 6.69 2.29 1.32
C ILE A 61 6.25 3.40 0.40
N VAL A 62 5.21 3.20 -0.39
CA VAL A 62 4.71 4.23 -1.26
C VAL A 62 3.68 5.02 -0.55
N ASN A 63 3.93 6.32 -0.34
CA ASN A 63 2.96 7.20 0.32
C ASN A 63 2.06 7.89 -0.72
N MET A 64 2.45 8.05 -1.98
CA MET A 64 1.62 8.73 -2.93
C MET A 64 0.27 8.06 -3.03
N TRP A 65 -0.75 8.88 -3.06
CA TRP A 65 -2.17 8.47 -3.11
C TRP A 65 -2.65 7.73 -1.86
N THR A 66 -1.97 7.92 -0.73
CA THR A 66 -2.43 7.55 0.56
C THR A 66 -2.69 8.80 1.39
N PRO A 67 -3.59 8.72 2.36
CA PRO A 67 -3.86 9.91 3.20
C PRO A 67 -2.67 10.40 3.93
N PRO A 68 -2.48 11.74 4.03
CA PRO A 68 -1.27 12.19 4.75
C PRO A 68 -1.16 11.71 6.18
N GLU A 69 -2.31 11.45 6.83
CA GLU A 69 -2.27 10.93 8.18
C GLU A 69 -1.78 9.48 8.23
N VAL A 70 -2.05 8.72 7.16
CA VAL A 70 -1.54 7.38 7.03
C VAL A 70 -0.03 7.40 6.80
N ALA A 71 0.39 8.26 5.88
CA ALA A 71 1.83 8.40 5.62
C ALA A 71 2.56 8.82 6.91
N ASP A 72 1.93 9.72 7.64
CA ASP A 72 2.52 10.07 8.99
C ASP A 72 2.62 8.92 9.93
N GLN A 73 1.60 8.04 9.97
CA GLN A 73 1.70 6.80 10.75
C GLN A 73 2.95 5.97 10.32
N GLU A 74 3.09 5.79 9.00
N GLU A 74 3.11 5.82 9.01
CA GLU A 74 4.20 5.06 8.38
CA GLU A 74 4.21 5.05 8.47
C GLU A 74 5.54 5.69 8.79
C GLU A 74 5.54 5.69 8.83
N MET A 75 5.64 7.01 8.66
CA MET A 75 6.92 7.76 8.95
C MET A 75 7.29 7.61 10.44
N LYS A 76 6.30 7.78 11.32
CA LYS A 76 6.51 7.62 12.77
C LYS A 76 6.93 6.19 13.10
N ARG A 77 6.26 5.20 12.49
CA ARG A 77 6.56 3.78 12.75
C ARG A 77 8.02 3.44 12.28
N GLN A 78 8.47 4.01 11.18
CA GLN A 78 9.82 3.78 10.67
C GLN A 78 10.87 4.71 11.23
N ASN A 79 10.45 5.68 12.04
CA ASN A 79 11.33 6.75 12.49
C ASN A 79 12.07 7.44 11.36
N LEU A 80 11.30 7.73 10.30
CA LEU A 80 11.79 8.50 9.14
C LEU A 80 10.92 9.71 9.04
N ILE A 81 11.42 10.83 9.63
CA ILE A 81 10.60 12.02 9.87
C ILE A 81 11.15 13.17 9.02
N PHE A 82 10.26 13.94 8.45
CA PHE A 82 10.58 15.02 7.48
C PHE A 82 9.78 16.26 7.83
N ALA A 83 10.20 17.39 7.27
CA ALA A 83 9.62 18.69 7.69
C ALA A 83 9.19 19.52 6.50
N ARG A 84 8.80 18.88 5.41
CA ARG A 84 8.20 19.57 4.31
C ARG A 84 6.68 19.56 4.46
N PRO A 85 5.96 20.50 3.83
CA PRO A 85 4.49 20.47 3.85
C PRO A 85 3.91 19.19 3.25
N ASN A 86 4.55 18.74 2.16
CA ASN A 86 4.18 17.52 1.43
C ASN A 86 5.05 16.34 1.88
N VAL A 87 4.41 15.18 2.10
CA VAL A 87 5.11 13.99 2.55
C VAL A 87 5.89 13.36 1.38
N PRO A 88 7.02 12.67 1.69
CA PRO A 88 7.73 12.02 0.57
C PRO A 88 6.82 11.06 -0.15
N ASP A 89 7.03 10.91 -1.46
CA ASP A 89 6.30 9.95 -2.27
C ASP A 89 6.58 8.48 -1.94
N LEU A 90 7.83 8.22 -1.54
CA LEU A 90 8.21 6.94 -1.04
C LEU A 90 9.13 7.07 0.20
N LEU A 91 9.11 6.08 1.08
CA LEU A 91 10.11 5.89 2.08
C LEU A 91 11.05 4.76 1.62
N ASP A 92 12.37 5.02 1.59
CA ASP A 92 13.35 4.05 1.22
C ASP A 92 13.90 3.48 2.54
N LEU A 93 13.49 2.27 2.89
CA LEU A 93 13.84 1.69 4.19
C LEU A 93 15.29 1.17 4.23
N LYS A 94 15.90 1.00 3.07
CA LYS A 94 17.35 0.58 2.99
C LYS A 94 18.21 1.75 3.28
N GLU A 95 18.04 2.80 2.53
CA GLU A 95 18.88 4.00 2.63
C GLU A 95 18.42 4.96 3.75
N ARG A 96 17.21 4.75 4.29
CA ARG A 96 16.67 5.62 5.34
C ARG A 96 16.51 7.04 4.76
N LYS A 97 15.79 7.12 3.66
CA LYS A 97 15.59 8.39 2.95
C LYS A 97 14.11 8.52 2.61
N GLY A 98 13.66 9.76 2.47
CA GLY A 98 12.40 10.05 1.87
C GLY A 98 12.65 10.40 0.41
N VAL A 99 11.87 9.85 -0.46
CA VAL A 99 12.04 10.01 -1.91
C VAL A 99 10.88 10.83 -2.44
N TYR A 100 11.20 11.89 -3.18
CA TYR A 100 10.19 12.71 -3.87
C TYR A 100 10.41 12.46 -5.36
N VAL A 101 9.33 12.31 -6.11
CA VAL A 101 9.42 12.08 -7.58
C VAL A 101 8.83 13.29 -8.28
N LYS A 102 9.57 13.80 -9.24
CA LYS A 102 9.16 14.87 -10.09
C LYS A 102 9.31 14.49 -11.58
N VAL A 103 8.24 14.66 -12.32
CA VAL A 103 8.21 14.41 -13.74
C VAL A 103 8.22 15.75 -14.50
N TYR A 104 9.20 15.92 -15.35
CA TYR A 104 9.36 17.11 -16.18
C TYR A 104 8.82 16.81 -17.60
N PRO A 105 7.65 17.40 -18.04
CA PRO A 105 7.36 17.40 -19.48
C PRO A 105 8.59 18.13 -20.12
N ASP A 106 9.44 17.48 -20.92
CA ASP A 106 10.74 17.99 -20.96
C ASP A 106 11.44 17.39 -22.11
N ASN A 107 11.71 18.23 -23.09
CA ASN A 107 12.87 17.93 -23.92
C ASN A 107 13.99 18.41 -22.99
N GLY A 108 14.83 17.48 -22.49
CA GLY A 108 15.99 17.90 -21.69
C GLY A 108 16.18 17.05 -20.44
N THR A 109 17.34 17.20 -19.81
CA THR A 109 17.69 16.53 -18.57
C THR A 109 17.47 17.47 -17.36
N PRO A 110 16.69 17.01 -16.35
CA PRO A 110 16.44 17.82 -15.18
C PRO A 110 17.72 18.15 -14.43
N THR A 111 17.69 19.33 -13.84
CA THR A 111 18.77 19.82 -12.99
C THR A 111 18.54 19.46 -11.50
N ASP A 112 19.57 19.04 -10.81
CA ASP A 112 19.53 18.80 -9.39
C ASP A 112 19.76 20.07 -8.61
N TYR A 113 18.96 20.22 -7.56
CA TYR A 113 19.06 21.32 -6.61
C TYR A 113 19.10 20.72 -5.23
N GLN A 114 19.64 21.45 -4.26
CA GLN A 114 19.83 20.99 -2.87
C GLN A 114 18.57 20.37 -2.22
N THR A 115 18.81 19.28 -1.53
CA THR A 115 17.82 18.65 -0.66
C THR A 115 18.45 18.45 0.72
N ALA A 116 17.66 18.05 1.72
CA ALA A 116 18.13 17.70 3.03
C ALA A 116 18.90 16.38 2.99
N GLU A 117 19.62 16.08 4.06
CA GLU A 117 20.45 14.90 4.07
C GLU A 117 19.62 13.62 4.03
N ASN A 118 18.43 13.61 4.60
CA ASN A 118 17.60 12.42 4.57
C ASN A 118 16.60 12.34 3.40
N GLU A 119 16.82 13.19 2.39
CA GLU A 119 15.92 13.26 1.22
C GLU A 119 16.64 12.93 -0.08
N ILE A 120 15.90 12.35 -1.01
CA ILE A 120 16.32 12.11 -2.36
C ILE A 120 15.21 12.62 -3.28
N PHE A 121 15.56 13.42 -4.29
CA PHE A 121 14.61 13.89 -5.29
C PHE A 121 14.92 13.21 -6.64
N VAL A 122 14.08 12.24 -6.97
CA VAL A 122 14.09 11.58 -8.30
C VAL A 122 13.48 12.55 -9.27
N ARG A 123 14.24 12.87 -10.32
N ARG A 123 14.24 12.86 -10.32
CA ARG A 123 13.86 13.90 -11.30
CA ARG A 123 13.88 13.88 -11.30
C ARG A 123 14.04 13.33 -12.68
C ARG A 123 14.04 13.28 -12.67
N VAL A 124 12.92 13.10 -13.36
CA VAL A 124 12.91 12.42 -14.66
C VAL A 124 12.12 13.23 -15.63
N SER A 125 12.47 13.14 -16.93
CA SER A 125 11.72 13.82 -18.00
C SER A 125 10.80 12.86 -18.66
N LEU A 126 9.79 13.42 -19.35
CA LEU A 126 8.86 12.60 -20.09
C LEU A 126 9.56 11.77 -21.17
N SER A 127 10.66 12.31 -21.71
CA SER A 127 11.42 11.62 -22.78
C SER A 127 12.42 10.65 -22.21
N GLY A 128 12.37 10.39 -20.91
CA GLY A 128 13.12 9.30 -20.36
C GLY A 128 14.50 9.67 -19.80
N GLN A 129 14.73 10.96 -19.68
N GLN A 129 14.74 10.96 -19.66
CA GLN A 129 15.99 11.44 -19.10
CA GLN A 129 16.03 11.39 -19.10
C GLN A 129 15.96 11.43 -17.56
C GLN A 129 15.98 11.48 -17.57
N MET A 130 17.12 11.24 -16.93
CA MET A 130 17.24 11.20 -15.52
C MET A 130 18.29 12.21 -15.09
N SER A 131 18.05 12.98 -14.01
CA SER A 131 19.07 13.89 -13.46
C SER A 131 20.26 13.07 -12.99
N PRO A 132 21.43 13.74 -12.84
CA PRO A 132 22.64 13.00 -12.42
C PRO A 132 22.42 12.31 -11.06
N ILE A 133 21.83 13.01 -10.07
CA ILE A 133 21.60 12.39 -8.78
C ILE A 133 20.59 11.24 -8.84
N THR A 134 19.61 11.36 -9.73
CA THR A 134 18.65 10.32 -9.95
C THR A 134 19.35 9.05 -10.50
N ARG A 135 20.18 9.22 -11.50
CA ARG A 135 20.90 8.09 -12.11
C ARG A 135 21.82 7.39 -11.14
N GLU A 136 22.36 8.11 -10.17
CA GLU A 136 23.24 7.52 -9.22
C GLU A 136 22.50 6.83 -8.10
N TYR A 137 21.35 7.39 -7.72
CA TYR A 137 20.52 6.83 -6.67
C TYR A 137 19.88 5.53 -7.12
N LEU A 138 19.24 5.54 -8.28
CA LEU A 138 18.53 4.37 -8.81
C LEU A 138 19.56 3.31 -9.31
N ASP A 139 19.24 2.04 -9.06
CA ASP A 139 20.07 0.95 -9.55
C ASP A 139 19.78 0.67 -11.00
N GLU A 140 20.53 -0.23 -11.64
CA GLU A 140 20.39 -0.39 -13.09
C GLU A 140 18.99 -0.90 -13.44
N VAL A 141 18.45 -1.81 -12.66
CA VAL A 141 17.11 -2.37 -12.92
C VAL A 141 16.06 -1.29 -12.75
N GLN A 142 16.15 -0.49 -11.68
CA GLN A 142 15.24 0.63 -11.55
C GLN A 142 15.31 1.64 -12.67
N ARG A 143 16.52 1.98 -13.08
CA ARG A 143 16.65 2.88 -14.22
C ARG A 143 16.03 2.35 -15.50
N GLN A 144 16.24 1.07 -15.73
CA GLN A 144 15.64 0.40 -16.89
C GLN A 144 14.14 0.39 -16.81
N ASP A 145 13.57 0.03 -15.67
CA ASP A 145 12.13 -0.07 -15.59
C ASP A 145 11.46 1.27 -15.69
N VAL A 146 12.00 2.27 -14.99
CA VAL A 146 11.46 3.63 -15.04
C VAL A 146 11.59 4.22 -16.47
N THR A 147 12.75 4.15 -17.08
CA THR A 147 12.97 4.73 -18.38
C THR A 147 12.18 3.97 -19.43
N ASN A 148 12.06 2.66 -19.35
N ASN A 148 12.07 2.63 -19.35
CA ASN A 148 11.31 2.00 -20.39
CA ASN A 148 11.27 1.89 -20.34
C ASN A 148 9.84 2.42 -20.35
C ASN A 148 9.84 2.39 -20.35
N PHE A 149 9.29 2.60 -19.16
CA PHE A 149 7.92 3.11 -19.05
C PHE A 149 7.81 4.50 -19.61
N LEU A 150 8.69 5.41 -19.23
CA LEU A 150 8.60 6.82 -19.69
C LEU A 150 8.68 6.86 -21.21
N VAL A 151 9.59 6.13 -21.82
CA VAL A 151 9.72 6.11 -23.26
C VAL A 151 8.51 5.51 -23.92
N THR A 152 7.88 4.55 -23.34
CA THR A 152 6.66 3.99 -23.89
C THR A 152 5.54 5.04 -23.92
N ILE A 153 5.27 5.70 -22.82
CA ILE A 153 4.22 6.71 -22.82
C ILE A 153 4.59 7.95 -23.64
N TYR A 154 5.85 8.34 -23.68
CA TYR A 154 6.33 9.43 -24.52
C TYR A 154 6.05 9.10 -25.98
N ASN A 155 6.47 7.93 -26.42
CA ASN A 155 6.22 7.52 -27.82
C ASN A 155 4.74 7.39 -28.16
N GLU A 156 3.92 6.98 -27.23
CA GLU A 156 2.45 6.98 -27.44
C GLU A 156 1.94 8.40 -27.59
N SER A 157 2.40 9.31 -26.74
N SER A 157 2.42 9.32 -26.75
CA SER A 157 1.94 10.67 -26.73
CA SER A 157 1.97 10.70 -26.74
C SER A 157 2.30 11.41 -28.03
C SER A 157 2.32 11.44 -28.02
N LEU A 158 3.36 11.02 -28.71
CA LEU A 158 3.79 11.69 -29.95
C LEU A 158 2.82 11.34 -31.08
N GLU A 159 2.04 10.27 -30.91
CA GLU A 159 1.04 9.87 -31.98
C GLU A 159 -0.21 10.71 -32.01
N SER A 160 -0.36 11.64 -31.09
CA SER A 160 -1.46 12.61 -31.11
C SER A 160 -0.98 14.00 -30.67
N ASN A 161 -1.88 14.91 -30.24
CA ASN A 161 -1.44 16.18 -29.71
C ASN A 161 -1.15 16.11 -28.22
N LEU A 162 -1.22 14.88 -27.65
CA LEU A 162 -0.99 14.70 -26.24
C LEU A 162 0.36 15.21 -25.74
N LEU A 163 1.46 14.85 -26.38
CA LEU A 163 2.77 15.35 -25.87
C LEU A 163 2.85 16.86 -25.85
N GLU A 164 2.43 17.49 -26.93
CA GLU A 164 2.40 18.94 -27.04
C GLU A 164 1.50 19.54 -25.95
N ARG A 165 0.32 18.95 -25.74
CA ARG A 165 -0.59 19.39 -24.69
C ARG A 165 0.04 19.27 -23.30
N MET A 166 0.70 18.14 -23.00
N MET A 166 0.71 18.15 -23.01
CA MET A 166 1.37 18.02 -21.70
CA MET A 166 1.37 17.98 -21.74
C MET A 166 2.50 19.02 -21.50
C MET A 166 2.51 18.99 -21.51
N GLN A 167 3.19 19.37 -22.59
CA GLN A 167 4.20 20.41 -22.54
C GLN A 167 3.61 21.79 -22.29
N GLU A 168 2.30 21.91 -22.47
CA GLU A 168 1.55 23.12 -22.16
C GLU A 168 1.07 23.19 -20.72
N LEU A 169 1.38 22.20 -19.87
CA LEU A 169 1.20 22.32 -18.40
C LEU A 169 1.92 23.55 -17.84
N ALA B 2 10.86 -23.14 16.40
CA ALA B 2 11.97 -22.52 17.19
C ALA B 2 11.41 -21.61 18.31
N MET B 3 10.34 -20.88 17.97
CA MET B 3 9.71 -19.86 18.84
C MET B 3 8.43 -20.41 19.45
N ASP B 4 8.26 -21.72 19.39
CA ASP B 4 7.02 -22.43 19.74
C ASP B 4 6.58 -22.12 21.17
N ARG B 5 7.54 -22.01 22.08
CA ARG B 5 7.18 -21.82 23.46
C ARG B 5 6.59 -20.44 23.73
N HIS B 6 6.75 -19.53 22.73
CA HIS B 6 6.27 -18.17 22.81
C HIS B 6 4.98 -17.96 22.07
N LYS B 7 4.37 -18.99 21.50
CA LYS B 7 3.06 -18.80 20.85
C LYS B 7 2.02 -18.54 21.95
N PRO B 8 1.21 -17.49 21.81
CA PRO B 8 0.13 -17.31 22.79
C PRO B 8 -0.85 -18.49 22.69
N LYS B 9 -1.49 -18.80 23.78
CA LYS B 9 -2.54 -19.79 23.73
C LYS B 9 -3.66 -19.47 22.76
N SER B 10 -3.94 -18.15 22.63
CA SER B 10 -5.07 -17.68 21.79
C SER B 10 -4.80 -17.75 20.24
N ILE B 11 -3.57 -18.04 19.85
CA ILE B 11 -3.25 -18.28 18.43
C ILE B 11 -3.23 -19.76 18.19
N SER B 12 -3.88 -20.20 17.12
CA SER B 12 -3.83 -21.62 16.83
C SER B 12 -2.42 -22.08 16.40
N SER B 13 -2.11 -23.32 16.73
CA SER B 13 -0.88 -23.91 16.31
C SER B 13 -0.70 -23.83 14.79
N GLU B 14 -1.74 -24.05 14.04
CA GLU B 14 -1.58 -24.12 12.57
C GLU B 14 -1.39 -22.71 11.98
N ILE B 15 -2.00 -21.68 12.56
CA ILE B 15 -1.73 -20.30 12.12
C ILE B 15 -0.33 -19.90 12.49
N TRP B 16 0.12 -20.25 13.72
CA TRP B 16 1.49 -19.99 14.10
C TRP B 16 2.47 -20.64 13.14
N ALA B 17 2.22 -21.92 12.84
CA ALA B 17 3.10 -22.64 11.93
C ALA B 17 3.10 -21.97 10.52
N LEU B 18 1.94 -21.59 10.00
CA LEU B 18 1.88 -20.99 8.68
C LEU B 18 2.61 -19.67 8.59
N SER B 19 2.65 -18.93 9.71
CA SER B 19 3.37 -17.69 9.76
C SER B 19 4.86 -17.85 9.54
N GLU B 20 5.44 -19.07 9.63
CA GLU B 20 6.86 -19.26 9.14
C GLU B 20 7.08 -18.89 7.67
N THR B 21 6.01 -18.89 6.85
CA THR B 21 6.15 -18.54 5.41
C THR B 21 6.39 -17.06 5.18
N SER B 22 6.14 -16.26 6.25
CA SER B 22 6.33 -14.82 6.16
C SER B 22 7.61 -14.20 6.67
N LYS B 23 8.21 -13.38 5.79
CA LYS B 23 9.36 -12.57 6.08
C LYS B 23 9.00 -11.27 6.77
N GLU B 24 7.74 -10.91 6.85
CA GLU B 24 7.35 -9.58 7.36
C GLU B 24 7.69 -9.44 8.82
N TRP B 25 7.20 -10.35 9.68
CA TRP B 25 7.53 -10.24 11.11
C TRP B 25 9.03 -10.39 11.31
N MET B 26 9.70 -11.19 10.46
CA MET B 26 11.14 -11.46 10.64
C MET B 26 11.94 -10.21 10.40
N SER B 27 11.43 -9.26 9.65
CA SER B 27 12.12 -8.00 9.37
C SER B 27 11.99 -6.98 10.51
N ASN B 28 11.12 -7.24 11.48
CA ASN B 28 10.95 -6.29 12.57
C ASN B 28 12.04 -6.39 13.63
N LEU B 29 12.40 -5.25 14.24
CA LEU B 29 13.27 -5.20 15.38
C LEU B 29 12.74 -6.03 16.54
N ARG B 30 11.43 -6.19 16.62
CA ARG B 30 10.82 -6.96 17.70
C ARG B 30 10.03 -8.14 17.04
N PRO B 31 10.77 -9.13 16.53
CA PRO B 31 10.11 -10.14 15.70
C PRO B 31 9.08 -10.97 16.40
N LEU B 32 9.25 -11.27 17.68
CA LEU B 32 8.21 -12.07 18.33
C LEU B 32 6.88 -11.34 18.43
N GLU B 33 6.90 -10.10 18.90
CA GLU B 33 5.66 -9.35 18.95
C GLU B 33 5.12 -9.05 17.58
N ALA B 34 5.96 -8.75 16.61
CA ALA B 34 5.50 -8.61 15.23
C ALA B 34 4.85 -9.87 14.76
N ARG B 35 5.42 -11.03 15.08
CA ARG B 35 4.83 -12.30 14.63
C ARG B 35 3.45 -12.51 15.23
N ILE B 36 3.31 -12.20 16.51
CA ILE B 36 2.04 -12.31 17.18
C ILE B 36 1.03 -11.39 16.51
N VAL B 37 1.36 -10.11 16.28
CA VAL B 37 0.43 -9.19 15.64
C VAL B 37 0.07 -9.68 14.22
N GLU B 38 1.04 -10.21 13.48
CA GLU B 38 0.74 -10.70 12.14
C GLU B 38 -0.21 -11.90 12.18
N CYS B 39 -0.03 -12.78 13.15
CA CYS B 39 -0.95 -13.91 13.36
C CYS B 39 -2.32 -13.39 13.82
N ILE B 40 -2.36 -12.34 14.62
CA ILE B 40 -3.68 -11.72 14.97
C ILE B 40 -4.36 -11.22 13.69
N LYS B 41 -3.66 -10.49 12.82
CA LYS B 41 -4.20 -10.00 11.58
C LYS B 41 -4.74 -11.17 10.72
N TYR B 42 -3.96 -12.22 10.56
CA TYR B 42 -4.41 -13.35 9.78
C TYR B 42 -5.66 -14.00 10.37
N THR B 43 -5.71 -14.14 11.70
CA THR B 43 -6.85 -14.75 12.37
C THR B 43 -8.09 -13.86 12.16
N VAL B 44 -7.91 -12.53 12.18
CA VAL B 44 -9.00 -11.58 11.85
C VAL B 44 -9.53 -11.88 10.43
N CYS B 45 -8.63 -12.01 9.47
CA CYS B 45 -9.03 -12.33 8.09
C CYS B 45 -9.86 -13.64 8.12
N CME B 46 -9.43 -14.66 8.86
CA CME B 46 -10.14 -15.92 8.93
CB CME B 46 -9.36 -16.93 9.77
SG CME B 46 -7.79 -17.38 9.01
SD CME B 46 -8.20 -18.74 7.58
CE CME B 46 -8.35 -20.29 8.51
CZ CME B 46 -7.10 -20.59 9.40
OH CME B 46 -7.12 -21.92 9.95
C CME B 46 -11.51 -15.74 9.54
O CME B 46 -12.51 -16.32 9.02
N HIS B 47 -11.66 -14.92 10.59
CA HIS B 47 -12.98 -14.65 11.16
C HIS B 47 -13.88 -13.91 10.26
N ILE B 48 -13.35 -12.97 9.49
CA ILE B 48 -14.19 -12.23 8.54
C ILE B 48 -14.80 -13.20 7.53
N SER B 49 -14.00 -14.16 7.08
CA SER B 49 -14.34 -15.03 5.97
C SER B 49 -14.97 -16.35 6.27
N ASP B 50 -14.72 -16.92 7.44
CA ASP B 50 -14.99 -18.36 7.59
C ASP B 50 -16.49 -18.67 7.55
N MET B 51 -16.90 -19.55 6.64
CA MET B 51 -18.31 -19.97 6.41
C MET B 51 -19.23 -18.86 5.91
N HIS B 52 -18.74 -17.69 5.56
CA HIS B 52 -19.60 -16.63 4.98
C HIS B 52 -19.65 -16.90 3.48
N LEU B 53 -20.87 -16.96 2.99
CA LEU B 53 -21.12 -17.39 1.61
C LEU B 53 -21.71 -16.28 0.76
N HIS B 54 -21.45 -16.37 -0.52
CA HIS B 54 -22.10 -15.54 -1.51
C HIS B 54 -22.26 -16.39 -2.76
N ASN B 55 -23.47 -16.46 -3.28
N ASN B 55 -23.49 -16.50 -3.21
CA ASN B 55 -23.80 -17.34 -4.39
CA ASN B 55 -23.86 -17.32 -4.33
C ASN B 55 -23.39 -18.78 -4.12
C ASN B 55 -23.42 -18.75 -4.12
N GLY B 56 -23.56 -19.21 -2.87
CA GLY B 56 -23.30 -20.61 -2.50
C GLY B 56 -21.89 -21.07 -2.23
N VAL B 57 -20.94 -20.16 -2.38
CA VAL B 57 -19.54 -20.45 -2.22
C VAL B 57 -18.91 -19.37 -1.36
N PRO B 58 -17.70 -19.60 -0.88
CA PRO B 58 -17.12 -18.58 0.01
C PRO B 58 -17.19 -17.15 -0.57
N ARG B 59 -17.66 -16.20 0.28
CA ARG B 59 -17.76 -14.81 -0.10
C ARG B 59 -16.38 -14.17 -0.34
N TYR B 60 -15.41 -14.65 0.39
CA TYR B 60 -14.12 -14.05 0.42
C TYR B 60 -13.05 -14.97 -0.14
N ILE B 61 -12.05 -14.37 -0.82
CA ILE B 61 -10.75 -14.97 -1.12
C ILE B 61 -9.77 -14.33 -0.16
N VAL B 62 -9.04 -15.13 0.60
CA VAL B 62 -7.99 -14.64 1.49
C VAL B 62 -6.67 -14.66 0.78
N ASN B 63 -6.10 -13.46 0.52
CA ASN B 63 -4.80 -13.35 -0.10
C ASN B 63 -3.64 -13.33 0.85
N MET B 64 -3.88 -12.93 2.09
CA MET B 64 -2.80 -12.87 3.10
C MET B 64 -2.12 -14.21 3.16
N TRP B 65 -0.80 -14.18 3.16
CA TRP B 65 0.08 -15.38 3.22
C TRP B 65 -0.01 -16.26 2.00
N THR B 66 -0.47 -15.72 0.87
CA THR B 66 -0.36 -16.38 -0.43
C THR B 66 0.60 -15.55 -1.27
N PRO B 67 1.20 -16.17 -2.30
CA PRO B 67 2.17 -15.45 -3.10
C PRO B 67 1.48 -14.29 -3.84
N PRO B 68 2.14 -13.12 -3.94
CA PRO B 68 1.47 -12.02 -4.67
C PRO B 68 1.10 -12.37 -6.10
N GLU B 69 1.86 -13.26 -6.74
CA GLU B 69 1.53 -13.68 -8.08
C GLU B 69 0.24 -14.51 -8.12
N VAL B 70 0.00 -15.31 -7.07
CA VAL B 70 -1.25 -16.08 -6.88
C VAL B 70 -2.42 -15.13 -6.63
N ALA B 71 -2.21 -14.18 -5.71
CA ALA B 71 -3.24 -13.18 -5.51
C ALA B 71 -3.58 -12.43 -6.81
N ASP B 72 -2.56 -12.12 -7.61
N ASP B 72 -2.56 -12.13 -7.62
CA ASP B 72 -2.79 -11.44 -8.91
CA ASP B 72 -2.79 -11.42 -8.88
C ASP B 72 -3.67 -12.29 -9.82
C ASP B 72 -3.62 -12.28 -9.87
N GLN B 73 -3.37 -13.59 -9.88
CA GLN B 73 -4.18 -14.58 -10.68
C GLN B 73 -5.68 -14.50 -10.26
N GLU B 74 -5.91 -14.54 -8.96
CA GLU B 74 -7.25 -14.47 -8.37
C GLU B 74 -7.92 -13.10 -8.72
N MET B 75 -7.17 -12.00 -8.63
CA MET B 75 -7.73 -10.69 -8.93
C MET B 75 -8.09 -10.58 -10.39
N LYS B 76 -7.19 -11.03 -11.26
CA LYS B 76 -7.52 -11.04 -12.69
C LYS B 76 -8.75 -11.95 -13.01
N ARG B 77 -8.79 -13.14 -12.45
CA ARG B 77 -9.93 -14.09 -12.64
C ARG B 77 -11.22 -13.42 -12.22
N GLN B 78 -11.20 -12.67 -11.11
CA GLN B 78 -12.40 -12.00 -10.60
C GLN B 78 -12.69 -10.64 -11.15
N ASN B 79 -11.74 -10.18 -11.93
CA ASN B 79 -11.73 -8.80 -12.41
C ASN B 79 -11.91 -7.79 -11.30
N LEU B 80 -11.18 -8.01 -10.22
CA LEU B 80 -11.13 -7.08 -9.11
C LEU B 80 -9.73 -6.63 -9.02
N ILE B 81 -9.45 -5.48 -9.58
CA ILE B 81 -8.09 -5.01 -9.80
C ILE B 81 -7.82 -3.76 -8.98
N PHE B 82 -6.62 -3.67 -8.44
CA PHE B 82 -6.22 -2.64 -7.52
C PHE B 82 -4.84 -2.14 -7.88
N ALA B 83 -4.51 -0.95 -7.41
CA ALA B 83 -3.28 -0.26 -7.82
C ALA B 83 -2.40 0.14 -6.63
N ARG B 84 -2.42 -0.61 -5.54
CA ARG B 84 -1.53 -0.42 -4.45
C ARG B 84 -0.33 -1.36 -4.56
N PRO B 85 0.80 -1.03 -3.96
CA PRO B 85 1.90 -1.93 -3.93
C PRO B 85 1.62 -3.27 -3.34
N ASN B 86 0.84 -3.28 -2.31
CA ASN B 86 0.46 -4.49 -1.62
C ASN B 86 -0.97 -4.91 -2.03
N VAL B 87 -1.18 -6.21 -2.16
CA VAL B 87 -2.48 -6.72 -2.56
C VAL B 87 -3.43 -6.65 -1.37
N PRO B 88 -4.75 -6.54 -1.63
CA PRO B 88 -5.69 -6.60 -0.52
C PRO B 88 -5.63 -7.93 0.22
N ASP B 89 -5.79 -7.87 1.54
CA ASP B 89 -5.77 -9.09 2.37
C ASP B 89 -6.87 -10.06 2.06
N LEU B 90 -8.03 -9.50 1.66
CA LEU B 90 -9.14 -10.31 1.15
C LEU B 90 -9.76 -9.68 -0.06
N LEU B 91 -10.40 -10.52 -0.89
CA LEU B 91 -11.32 -10.05 -1.92
C LEU B 91 -12.71 -10.41 -1.45
N ASP B 92 -13.58 -9.39 -1.42
CA ASP B 92 -15.00 -9.56 -1.06
C ASP B 92 -15.79 -9.69 -2.35
N LEU B 93 -16.20 -10.92 -2.68
CA LEU B 93 -16.84 -11.18 -3.96
C LEU B 93 -18.31 -10.73 -4.04
N LYS B 94 -18.88 -10.51 -2.89
CA LYS B 94 -20.23 -9.98 -2.79
C LYS B 94 -20.27 -8.51 -3.09
N GLU B 95 -19.50 -7.76 -2.33
CA GLU B 95 -19.49 -6.31 -2.38
C GLU B 95 -18.53 -5.81 -3.47
N ARG B 96 -17.72 -6.70 -4.03
CA ARG B 96 -16.76 -6.31 -5.09
C ARG B 96 -15.77 -5.31 -4.58
N LYS B 97 -15.13 -5.64 -3.45
N LYS B 97 -15.15 -5.67 -3.43
CA LYS B 97 -14.12 -4.77 -2.86
CA LYS B 97 -14.21 -4.82 -2.72
C LYS B 97 -12.90 -5.56 -2.43
C LYS B 97 -12.90 -5.59 -2.46
N GLY B 98 -11.81 -4.82 -2.40
CA GLY B 98 -10.56 -5.29 -1.79
C GLY B 98 -10.52 -4.88 -0.32
N VAL B 99 -10.29 -5.83 0.58
CA VAL B 99 -10.32 -5.54 1.97
C VAL B 99 -8.91 -5.62 2.56
N TYR B 100 -8.49 -4.54 3.23
CA TYR B 100 -7.21 -4.47 3.91
C TYR B 100 -7.49 -4.52 5.41
N VAL B 101 -6.70 -5.31 6.15
CA VAL B 101 -6.87 -5.41 7.62
C VAL B 101 -5.73 -4.78 8.30
N LYS B 102 -6.05 -3.92 9.27
N LYS B 102 -6.01 -3.84 9.20
CA LYS B 102 -5.05 -3.17 10.04
CA LYS B 102 -4.95 -3.33 10.07
C LYS B 102 -5.36 -3.35 11.55
C LYS B 102 -5.36 -3.43 11.53
N VAL B 103 -4.38 -3.87 12.31
CA VAL B 103 -4.53 -4.02 13.75
C VAL B 103 -3.74 -2.88 14.45
N TYR B 104 -4.47 -2.14 15.25
CA TYR B 104 -4.00 -0.93 15.97
C TYR B 104 -3.70 -1.26 17.41
N PRO B 105 -3.06 -0.29 18.09
CA PRO B 105 -2.76 -0.52 19.53
C PRO B 105 -4.02 -0.60 20.41
N ASP B 106 -3.90 -1.17 21.57
CA ASP B 106 -5.00 -1.31 22.53
C ASP B 106 -5.54 0.00 22.94
N ASN B 107 -6.85 0.00 23.23
CA ASN B 107 -7.48 1.12 23.93
C ASN B 107 -7.39 2.39 23.12
N GLY B 108 -7.89 2.35 21.91
CA GLY B 108 -8.23 3.55 21.19
C GLY B 108 -8.95 3.21 19.91
N THR B 109 -10.08 3.86 19.66
CA THR B 109 -10.83 3.48 18.46
C THR B 109 -10.09 4.01 17.23
N PRO B 110 -9.78 3.13 16.27
CA PRO B 110 -9.02 3.64 15.11
C PRO B 110 -9.82 4.63 14.31
N THR B 111 -9.10 5.54 13.70
CA THR B 111 -9.66 6.57 12.80
C THR B 111 -9.69 6.09 11.32
N ASP B 112 -10.82 6.32 10.67
CA ASP B 112 -10.99 6.06 9.24
C ASP B 112 -10.47 7.24 8.39
N TYR B 113 -9.70 6.90 7.37
CA TYR B 113 -9.20 7.84 6.42
C TYR B 113 -9.61 7.32 5.04
N GLN B 114 -9.51 8.17 4.02
CA GLN B 114 -9.91 7.92 2.64
C GLN B 114 -9.27 6.67 2.03
N THR B 115 -10.13 5.92 1.31
CA THR B 115 -9.71 4.81 0.50
C THR B 115 -10.42 4.94 -0.86
N ALA B 116 -9.99 4.15 -1.83
CA ALA B 116 -10.56 4.17 -3.12
C ALA B 116 -11.97 3.58 -3.05
N GLU B 117 -12.74 3.77 -4.13
CA GLU B 117 -14.13 3.34 -4.09
C GLU B 117 -14.26 1.81 -4.01
N ASN B 118 -13.31 1.09 -4.55
CA ASN B 118 -13.35 -0.37 -4.49
C ASN B 118 -12.59 -0.99 -3.30
N GLU B 119 -12.24 -0.19 -2.31
CA GLU B 119 -11.46 -0.68 -1.19
C GLU B 119 -12.22 -0.48 0.11
N ILE B 120 -11.96 -1.38 1.08
N ILE B 120 -11.97 -1.35 1.08
CA ILE B 120 -12.44 -1.28 2.46
CA ILE B 120 -12.47 -1.20 2.43
C ILE B 120 -11.24 -1.53 3.35
C ILE B 120 -11.34 -1.55 3.39
N PHE B 121 -11.09 -0.67 4.36
CA PHE B 121 -10.06 -0.85 5.37
C PHE B 121 -10.64 -1.21 6.68
N VAL B 122 -10.55 -2.49 7.05
CA VAL B 122 -10.92 -2.97 8.35
C VAL B 122 -9.86 -2.53 9.38
N ARG B 123 -10.27 -1.75 10.36
N ARG B 123 -10.29 -1.76 10.36
CA ARG B 123 -9.40 -1.16 11.30
CA ARG B 123 -9.44 -1.17 11.34
C ARG B 123 -9.86 -1.52 12.71
C ARG B 123 -9.91 -1.58 12.71
N VAL B 124 -9.08 -2.36 13.39
CA VAL B 124 -9.45 -2.91 14.69
C VAL B 124 -8.35 -2.70 15.68
N SER B 125 -8.66 -2.49 16.97
CA SER B 125 -7.66 -2.35 18.00
C SER B 125 -7.44 -3.65 18.68
N LEU B 126 -6.26 -3.81 19.30
CA LEU B 126 -5.96 -5.02 20.04
C LEU B 126 -7.01 -5.29 21.12
N SER B 127 -7.58 -4.27 21.74
CA SER B 127 -8.60 -4.46 22.74
C SER B 127 -10.02 -4.56 22.27
N GLY B 128 -10.19 -4.74 20.98
CA GLY B 128 -11.47 -5.14 20.46
C GLY B 128 -12.31 -4.04 19.84
N GLN B 129 -11.74 -2.85 19.67
CA GLN B 129 -12.48 -1.74 19.13
C GLN B 129 -12.46 -1.84 17.61
N MET B 130 -13.52 -1.31 16.96
CA MET B 130 -13.65 -1.27 15.53
C MET B 130 -13.88 0.18 15.12
N SER B 131 -13.23 0.64 14.07
CA SER B 131 -13.53 1.95 13.50
C SER B 131 -14.95 2.06 13.04
N PRO B 132 -15.47 3.30 12.92
CA PRO B 132 -16.91 3.42 12.45
C PRO B 132 -17.17 2.76 11.08
N ILE B 133 -16.25 2.87 10.11
CA ILE B 133 -16.49 2.26 8.83
C ILE B 133 -16.42 0.71 8.94
N THR B 134 -15.56 0.22 9.79
CA THR B 134 -15.41 -1.19 10.07
C THR B 134 -16.70 -1.77 10.57
N ARG B 135 -17.26 -1.11 11.59
N ARG B 135 -17.28 -1.14 11.58
CA ARG B 135 -18.52 -1.51 12.22
CA ARG B 135 -18.45 -1.72 12.18
C ARG B 135 -19.65 -1.62 11.21
C ARG B 135 -19.70 -1.58 11.27
N GLU B 136 -19.69 -0.68 10.27
CA GLU B 136 -20.76 -0.60 9.28
C GLU B 136 -20.53 -1.68 8.22
N TYR B 137 -19.28 -1.95 7.85
CA TYR B 137 -18.99 -2.92 6.79
C TYR B 137 -19.26 -4.35 7.26
N LEU B 138 -18.74 -4.71 8.43
CA LEU B 138 -18.92 -6.05 9.00
C LEU B 138 -20.33 -6.25 9.45
N ASP B 139 -20.80 -7.45 9.23
CA ASP B 139 -22.12 -7.81 9.75
C ASP B 139 -22.04 -8.25 11.23
N GLU B 140 -23.17 -8.51 11.86
CA GLU B 140 -23.18 -8.68 13.33
C GLU B 140 -22.38 -9.90 13.71
N VAL B 141 -22.45 -10.96 12.90
CA VAL B 141 -21.73 -12.21 13.18
C VAL B 141 -20.24 -11.97 13.03
N GLN B 142 -19.82 -11.30 11.98
CA GLN B 142 -18.39 -10.99 11.78
C GLN B 142 -17.87 -10.06 12.88
N ARG B 143 -18.65 -9.06 13.32
CA ARG B 143 -18.16 -8.20 14.36
C ARG B 143 -18.00 -9.01 15.66
N GLN B 144 -18.93 -9.89 15.96
N GLN B 144 -18.95 -9.88 15.96
CA GLN B 144 -18.82 -10.72 17.15
CA GLN B 144 -18.82 -10.74 17.13
C GLN B 144 -17.58 -11.65 17.06
C GLN B 144 -17.56 -11.61 17.06
N ASP B 145 -17.36 -12.32 15.96
CA ASP B 145 -16.29 -13.29 15.87
C ASP B 145 -14.92 -12.58 15.93
N VAL B 146 -14.78 -11.48 15.18
CA VAL B 146 -13.54 -10.72 15.16
C VAL B 146 -13.27 -10.18 16.60
N THR B 147 -14.24 -9.48 17.17
CA THR B 147 -14.09 -8.87 18.48
C THR B 147 -13.86 -9.88 19.59
N ASN B 148 -14.55 -11.02 19.55
CA ASN B 148 -14.35 -12.05 20.57
C ASN B 148 -12.91 -12.50 20.56
N PHE B 149 -12.38 -12.69 19.37
CA PHE B 149 -11.00 -13.16 19.25
C PHE B 149 -10.03 -12.13 19.80
N LEU B 150 -10.23 -10.88 19.40
CA LEU B 150 -9.31 -9.79 19.82
C LEU B 150 -9.33 -9.65 21.35
N VAL B 151 -10.51 -9.67 21.95
CA VAL B 151 -10.61 -9.50 23.38
C VAL B 151 -9.99 -10.74 24.07
N THR B 152 -10.09 -11.93 23.44
CA THR B 152 -9.48 -13.10 24.01
C THR B 152 -7.94 -13.03 24.09
N ILE B 153 -7.32 -12.67 22.99
CA ILE B 153 -5.86 -12.52 23.01
C ILE B 153 -5.38 -11.31 23.82
N TYR B 154 -6.18 -10.25 23.80
CA TYR B 154 -5.86 -9.11 24.66
C TYR B 154 -5.87 -9.51 26.15
N ASN B 155 -6.91 -10.19 26.57
CA ASN B 155 -7.00 -10.63 27.94
C ASN B 155 -5.91 -11.62 28.31
N GLU B 156 -5.46 -12.44 27.39
CA GLU B 156 -4.30 -13.30 27.65
C GLU B 156 -3.07 -12.43 27.79
N SER B 157 -2.88 -11.44 26.92
CA SER B 157 -1.68 -10.63 26.93
C SER B 157 -1.49 -9.86 28.23
N LEU B 158 -2.58 -9.54 28.92
CA LEU B 158 -2.55 -8.85 30.20
C LEU B 158 -1.92 -9.71 31.29
N GLU B 159 -1.94 -11.04 31.13
CA GLU B 159 -1.49 -11.96 32.17
C GLU B 159 0.02 -12.08 32.23
N SER B 160 0.72 -11.44 31.32
CA SER B 160 2.19 -11.43 31.34
C SER B 160 2.68 -10.05 30.90
N ASN B 161 3.97 -9.97 30.52
CA ASN B 161 4.50 -8.77 29.92
C ASN B 161 4.30 -8.68 28.44
N LEU B 162 3.44 -9.58 27.89
CA LEU B 162 3.19 -9.56 26.46
C LEU B 162 2.52 -8.29 25.98
N LEU B 163 1.48 -7.85 26.70
CA LEU B 163 0.81 -6.61 26.25
C LEU B 163 1.77 -5.42 26.20
N GLU B 164 2.58 -5.27 27.25
CA GLU B 164 3.59 -4.16 27.34
C GLU B 164 4.55 -4.26 26.13
N ARG B 165 5.00 -5.48 25.87
CA ARG B 165 5.89 -5.70 24.73
C ARG B 165 5.22 -5.38 23.38
N MET B 166 3.96 -5.80 23.23
N MET B 166 3.96 -5.78 23.23
CA MET B 166 3.28 -5.48 21.97
CA MET B 166 3.27 -5.47 21.98
C MET B 166 3.07 -3.96 21.82
C MET B 166 3.04 -3.97 21.82
N GLN B 167 2.79 -3.29 22.92
CA GLN B 167 2.63 -1.83 22.93
C GLN B 167 3.88 -1.14 22.43
N GLU B 168 5.05 -1.74 22.67
CA GLU B 168 6.34 -1.18 22.21
C GLU B 168 6.58 -1.27 20.76
N LEU B 169 5.86 -2.16 20.05
CA LEU B 169 5.87 -2.10 18.56
C LEU B 169 5.36 -0.81 18.01
N TYR B 170 4.34 -0.23 18.69
CA TYR B 170 3.60 0.92 18.15
C TYR B 170 4.16 2.18 18.74
C1 GOL C . -0.26 3.16 -2.69
O1 GOL C . -1.03 4.23 -3.09
C2 GOL C . 0.23 3.09 -1.32
O2 GOL C . 1.30 2.33 -1.27
C3 GOL C . -0.83 2.37 -0.54
O3 GOL C . -0.73 0.99 0.01
C1 GOL D . -10.32 4.65 -7.08
O1 GOL D . -11.48 5.17 -6.40
C2 GOL D . -10.32 3.17 -7.60
O2 GOL D . -11.48 2.39 -7.18
C3 GOL D . -8.99 2.60 -7.06
O3 GOL D . -8.89 1.23 -6.82
#